data_7OBD
#
_entry.id   7OBD
#
_cell.length_a   82.480
_cell.length_b   111.339
_cell.length_c   62.969
_cell.angle_alpha   90.000
_cell.angle_beta   90.000
_cell.angle_gamma   90.000
#
_symmetry.space_group_name_H-M   'C 2 2 21'
#
loop_
_entity.id
_entity.type
_entity.pdbx_description
1 polymer '14-3-3 protein sigma'
2 polymer 'Rho-related GTP-binding protein RhoE'
3 non-polymer FUSICOCCIN
4 non-polymer 'MAGNESIUM ION'
5 non-polymer 'CHLORIDE ION'
6 non-polymer FARNESYL
7 water water
#
loop_
_entity_poly.entity_id
_entity_poly.type
_entity_poly.pdbx_seq_one_letter_code
_entity_poly.pdbx_strand_id
1 'polypeptide(L)'
;GAMGSMERASLIQKAKLAEQAERYEDMAAFMKGAVEKGEELS(CSO)EERNLLSVAYKNVVGGQRAAWRVLSSIEQKSNE
EGSEEKGPEVREYREKVETELQGVCDTVLGLLDSHLIKEAGDAESRVFYLKMKGDYYRYLAEVATGDDKKRIIDSARSAY
QEAMDISKKEMPPTNPIRLGLALNFSVFHYEIANSPEEAISLAKTTFDEAMADLHTLSEDSYKDSTLIMQLLRDNLTLWT
ADNAGEEGGEAPQEPQS
;
A
2 'polypeptide(L)' TDLRKDKAK(SEP)C B
#
# COMPACT_ATOMS: atom_id res chain seq x y z
N GLY A 1 -3.34 -16.32 -18.99
CA GLY A 1 -3.05 -16.43 -17.55
C GLY A 1 -2.82 -17.86 -17.11
N ALA A 2 -1.70 -18.09 -16.41
CA ALA A 2 -1.39 -19.44 -15.95
C ALA A 2 -2.43 -19.98 -14.98
N MET A 3 -3.26 -19.11 -14.40
CA MET A 3 -4.32 -19.52 -13.50
C MET A 3 -5.67 -19.63 -14.20
N GLY A 4 -5.71 -19.49 -15.52
CA GLY A 4 -6.96 -19.51 -16.25
C GLY A 4 -7.73 -20.82 -16.16
N SER A 5 -7.04 -21.93 -15.93
CA SER A 5 -7.69 -23.23 -15.91
C SER A 5 -8.12 -23.68 -14.51
N MET A 6 -7.80 -22.91 -13.47
CA MET A 6 -8.16 -23.29 -12.12
C MET A 6 -9.43 -22.58 -11.66
N GLU A 7 -10.29 -23.32 -10.97
CA GLU A 7 -11.53 -22.77 -10.46
C GLU A 7 -11.26 -21.56 -9.56
N ARG A 8 -12.15 -20.57 -9.65
CA ARG A 8 -12.06 -19.41 -8.77
C ARG A 8 -11.99 -19.82 -7.31
N ALA A 9 -12.87 -20.74 -6.89
CA ALA A 9 -12.90 -21.15 -5.50
C ALA A 9 -11.59 -21.82 -5.10
N SER A 10 -10.99 -22.58 -6.02
CA SER A 10 -9.72 -23.25 -5.71
C SER A 10 -8.59 -22.25 -5.58
N LEU A 11 -8.62 -21.17 -6.38
CA LEU A 11 -7.61 -20.12 -6.25
C LEU A 11 -7.71 -19.45 -4.89
N ILE A 12 -8.94 -19.14 -4.44
CA ILE A 12 -9.12 -18.55 -3.12
C ILE A 12 -8.63 -19.51 -2.04
N GLN A 13 -9.03 -20.78 -2.15
CA GLN A 13 -8.59 -21.78 -1.17
C GLN A 13 -7.07 -21.83 -1.09
N LYS A 14 -6.40 -21.82 -2.24
CA LYS A 14 -4.94 -21.94 -2.25
C LYS A 14 -4.26 -20.65 -1.82
N ALA A 15 -4.88 -19.49 -2.07
CA ALA A 15 -4.34 -18.24 -1.54
C ALA A 15 -4.32 -18.27 -0.02
N LYS A 16 -5.34 -18.88 0.60
CA LYS A 16 -5.37 -19.00 2.06
C LYS A 16 -4.31 -19.98 2.55
N LEU A 17 -4.08 -21.07 1.82
CA LEU A 17 -3.00 -21.98 2.16
C LEU A 17 -1.65 -21.30 2.03
N ALA A 18 -1.44 -20.55 0.96
CA ALA A 18 -0.19 -19.82 0.77
C ALA A 18 0.05 -18.84 1.90
N GLU A 19 -1.00 -18.15 2.35
CA GLU A 19 -0.86 -17.24 3.48
C GLU A 19 -0.38 -17.98 4.73
N GLN A 20 -1.02 -19.11 5.04
CA GLN A 20 -0.59 -19.89 6.20
C GLN A 20 0.85 -20.36 6.05
N ALA A 21 1.30 -20.60 4.82
CA ALA A 21 2.66 -21.04 4.56
C ALA A 21 3.63 -19.88 4.34
N GLU A 22 3.14 -18.64 4.42
CA GLU A 22 3.98 -17.45 4.19
C GLU A 22 4.65 -17.52 2.81
N ARG A 23 3.89 -17.98 1.82
CA ARG A 23 4.32 -18.04 0.43
C ARG A 23 3.57 -16.94 -0.31
N TYR A 24 4.04 -15.70 -0.16
CA TYR A 24 3.25 -14.56 -0.58
C TYR A 24 3.31 -14.32 -2.09
N GLU A 25 4.39 -14.74 -2.76
CA GLU A 25 4.39 -14.71 -4.22
C GLU A 25 3.30 -15.62 -4.78
N ASP A 26 3.23 -16.85 -4.28
CA ASP A 26 2.14 -17.75 -4.66
C ASP A 26 0.79 -17.14 -4.34
N MET A 27 0.63 -16.64 -3.11
CA MET A 27 -0.61 -16.02 -2.70
C MET A 27 -1.05 -14.95 -3.69
N ALA A 28 -0.10 -14.09 -4.09
CA ALA A 28 -0.42 -13.01 -5.01
C ALA A 28 -0.80 -13.54 -6.39
N ALA A 29 -0.11 -14.59 -6.86
CA ALA A 29 -0.44 -15.16 -8.16
C ALA A 29 -1.83 -15.79 -8.13
N PHE A 30 -2.19 -16.48 -7.04
CA PHE A 30 -3.52 -17.05 -6.94
C PHE A 30 -4.59 -15.97 -6.94
N MET A 31 -4.37 -14.88 -6.21
CA MET A 31 -5.37 -13.83 -6.13
C MET A 31 -5.45 -13.02 -7.43
N LYS A 32 -4.33 -12.88 -8.14
CA LYS A 32 -4.38 -12.29 -9.47
C LYS A 32 -5.27 -13.13 -10.39
N GLY A 33 -5.07 -14.46 -10.36
CA GLY A 33 -5.93 -15.33 -11.14
C GLY A 33 -7.39 -15.21 -10.74
N ALA A 34 -7.67 -15.10 -9.45
CA ALA A 34 -9.03 -14.94 -8.98
C ALA A 34 -9.66 -13.67 -9.52
N VAL A 35 -8.94 -12.54 -9.40
CA VAL A 35 -9.44 -11.28 -9.94
C VAL A 35 -9.76 -11.42 -11.42
N GLU A 36 -8.86 -12.07 -12.17
CA GLU A 36 -9.02 -12.16 -13.61
C GLU A 36 -10.17 -13.06 -14.05
N LYS A 37 -10.84 -13.74 -13.10
CA LYS A 37 -12.07 -14.44 -13.43
C LYS A 37 -13.19 -13.47 -13.78
N GLY A 38 -13.07 -12.20 -13.39
CA GLY A 38 -14.01 -11.18 -13.79
C GLY A 38 -15.11 -10.88 -12.79
N GLU A 39 -15.22 -11.65 -11.72
CA GLU A 39 -16.22 -11.40 -10.69
C GLU A 39 -15.65 -10.46 -9.63
N GLU A 40 -16.53 -9.69 -9.01
CA GLU A 40 -16.09 -8.81 -7.93
C GLU A 40 -15.61 -9.64 -6.75
N LEU A 41 -14.82 -8.99 -5.90
CA LEU A 41 -14.23 -9.65 -4.73
C LEU A 41 -15.06 -9.36 -3.49
N SER A 42 -15.20 -10.36 -2.64
CA SER A 42 -15.83 -10.20 -1.33
C SER A 42 -14.90 -9.46 -0.39
N GLU A 44 -13.54 -10.46 2.39
CA GLU A 44 -12.44 -11.35 2.76
C GLU A 44 -11.46 -11.53 1.59
N GLU A 45 -12.00 -11.64 0.38
CA GLU A 45 -11.14 -11.81 -0.80
C GLU A 45 -10.32 -10.57 -1.08
N ARG A 46 -10.87 -9.38 -0.84
CA ARG A 46 -10.10 -8.16 -0.99
C ARG A 46 -8.93 -8.14 -0.01
N ASN A 47 -9.14 -8.59 1.22
CA ASN A 47 -8.06 -8.62 2.19
C ASN A 47 -6.96 -9.58 1.76
N LEU A 48 -7.32 -10.71 1.16
CA LEU A 48 -6.30 -11.64 0.67
C LEU A 48 -5.47 -11.01 -0.43
N LEU A 49 -6.11 -10.30 -1.34
CA LEU A 49 -5.38 -9.62 -2.42
C LEU A 49 -4.38 -8.62 -1.86
N SER A 50 -4.84 -7.77 -0.94
CA SER A 50 -3.98 -6.69 -0.44
C SER A 50 -2.84 -7.25 0.42
N VAL A 51 -3.12 -8.26 1.24
CA VAL A 51 -2.07 -8.84 2.08
C VAL A 51 -0.99 -9.47 1.21
N ALA A 52 -1.39 -10.16 0.15
CA ALA A 52 -0.42 -10.86 -0.70
C ALA A 52 0.57 -9.87 -1.30
N TYR A 53 0.07 -8.87 -2.02
CA TYR A 53 0.97 -7.94 -2.70
C TYR A 53 1.68 -7.01 -1.71
N LYS A 54 1.02 -6.67 -0.60
CA LYS A 54 1.69 -5.88 0.44
C LYS A 54 2.97 -6.57 0.89
N ASN A 55 2.92 -7.89 1.10
CA ASN A 55 4.10 -8.61 1.56
C ASN A 55 5.14 -8.74 0.44
N VAL A 56 4.71 -9.02 -0.78
CA VAL A 56 5.65 -9.13 -1.90
C VAL A 56 6.39 -7.81 -2.08
N VAL A 57 5.65 -6.72 -2.27
CA VAL A 57 6.27 -5.42 -2.50
C VAL A 57 7.01 -4.96 -1.24
N GLY A 58 6.54 -5.36 -0.06
CA GLY A 58 7.21 -5.00 1.17
C GLY A 58 8.64 -5.51 1.21
N GLY A 59 8.85 -6.77 0.82
CA GLY A 59 10.20 -7.32 0.79
C GLY A 59 11.06 -6.66 -0.28
N GLN A 60 10.46 -6.33 -1.43
CA GLN A 60 11.21 -5.64 -2.47
C GLN A 60 11.64 -4.26 -2.01
N ARG A 61 10.75 -3.53 -1.32
CA ARG A 61 11.08 -2.19 -0.85
C ARG A 61 12.21 -2.23 0.17
N ALA A 62 12.17 -3.20 1.09
CA ALA A 62 13.23 -3.30 2.08
C ALA A 62 14.57 -3.60 1.44
N ALA A 63 14.58 -4.48 0.43
CA ALA A 63 15.82 -4.78 -0.27
C ALA A 63 16.31 -3.57 -1.07
N TRP A 64 15.39 -2.86 -1.72
CA TRP A 64 15.76 -1.66 -2.47
C TRP A 64 16.44 -0.64 -1.57
N ARG A 65 15.92 -0.46 -0.36
CA ARG A 65 16.49 0.54 0.55
C ARG A 65 17.88 0.12 1.03
N VAL A 66 18.08 -1.18 1.30
CA VAL A 66 19.42 -1.66 1.62
C VAL A 66 20.38 -1.33 0.49
N LEU A 67 19.99 -1.66 -0.75
CA LEU A 67 20.87 -1.45 -1.89
C LEU A 67 21.08 0.04 -2.17
N SER A 68 20.01 0.84 -2.07
CA SER A 68 20.14 2.27 -2.34
C SER A 68 21.07 2.93 -1.32
N SER A 69 21.04 2.46 -0.07
CA SER A 69 21.95 3.00 0.94
C SER A 69 23.39 2.67 0.60
N ILE A 70 23.66 1.41 0.22
CA ILE A 70 25.00 1.03 -0.22
C ILE A 70 25.42 1.88 -1.41
N GLU A 71 24.51 2.06 -2.37
CA GLU A 71 24.84 2.86 -3.55
C GLU A 71 25.17 4.29 -3.17
N GLN A 72 24.42 4.87 -2.23
CA GLN A 72 24.66 6.25 -1.83
C GLN A 72 26.01 6.39 -1.14
N LYS A 73 26.38 5.42 -0.30
CA LYS A 73 27.68 5.45 0.33
C LYS A 73 28.79 5.35 -0.70
N SER A 74 28.59 4.53 -1.74
CA SER A 74 29.61 4.35 -2.77
C SER A 74 29.85 5.62 -3.57
N ASN A 75 28.91 6.57 -3.56
CA ASN A 75 29.05 7.83 -4.26
C ASN A 75 29.40 8.98 -3.33
N GLU A 76 29.94 8.69 -2.16
CA GLU A 76 30.35 9.71 -1.20
C GLU A 76 31.79 10.13 -1.47
N GLU A 77 32.23 11.16 -0.75
CA GLU A 77 33.59 11.67 -0.87
C GLU A 77 34.55 10.72 -0.16
N GLY A 78 35.45 10.10 -0.92
CA GLY A 78 36.45 9.21 -0.37
C GLY A 78 36.20 7.74 -0.61
N SER A 79 35.14 7.38 -1.33
CA SER A 79 34.79 5.98 -1.54
C SER A 79 35.48 5.46 -2.79
N GLU A 80 36.02 4.24 -2.69
CA GLU A 80 36.71 3.64 -3.83
C GLU A 80 35.71 3.20 -4.89
N GLU A 81 36.07 3.44 -6.16
CA GLU A 81 35.21 3.03 -7.26
C GLU A 81 35.11 1.51 -7.31
N LYS A 82 33.89 0.99 -7.17
CA LYS A 82 33.64 -0.45 -7.17
C LYS A 82 33.04 -0.95 -8.47
N GLY A 83 32.84 -0.08 -9.45
CA GLY A 83 32.26 -0.48 -10.72
C GLY A 83 30.75 -0.30 -10.73
N PRO A 84 30.09 -0.79 -11.78
CA PRO A 84 28.65 -0.59 -11.95
C PRO A 84 27.75 -1.60 -11.23
N GLU A 85 28.31 -2.53 -10.46
CA GLU A 85 27.51 -3.65 -9.96
C GLU A 85 26.42 -3.19 -9.00
N VAL A 86 26.75 -2.27 -8.09
CA VAL A 86 25.77 -1.83 -7.10
C VAL A 86 24.59 -1.16 -7.77
N ARG A 87 24.86 -0.25 -8.71
CA ARG A 87 23.78 0.38 -9.47
C ARG A 87 23.00 -0.66 -10.26
N GLU A 88 23.70 -1.61 -10.88
CA GLU A 88 23.04 -2.62 -11.69
C GLU A 88 22.05 -3.43 -10.87
N TYR A 89 22.48 -3.90 -9.70
CA TYR A 89 21.62 -4.77 -8.90
C TYR A 89 20.48 -3.98 -8.26
N ARG A 90 20.76 -2.74 -7.84
CA ARG A 90 19.67 -1.88 -7.36
C ARG A 90 18.63 -1.68 -8.46
N GLU A 91 19.09 -1.45 -9.70
N GLU A 91 19.09 -1.46 -9.69
CA GLU A 91 18.17 -1.29 -10.81
CA GLU A 91 18.15 -1.29 -10.80
C GLU A 91 17.37 -2.57 -11.06
C GLU A 91 17.37 -2.57 -11.06
N LYS A 92 18.01 -3.73 -10.89
CA LYS A 92 17.31 -5.00 -11.07
C LYS A 92 16.16 -5.12 -10.07
N VAL A 93 16.45 -4.90 -8.79
CA VAL A 93 15.41 -4.96 -7.77
C VAL A 93 14.35 -3.89 -8.02
N GLU A 94 14.80 -2.67 -8.34
CA GLU A 94 13.87 -1.58 -8.62
C GLU A 94 12.94 -1.92 -9.76
N THR A 95 13.46 -2.53 -10.82
CA THR A 95 12.64 -2.87 -11.98
C THR A 95 11.62 -3.96 -11.64
N GLU A 96 12.02 -4.93 -10.82
N GLU A 96 12.02 -4.94 -10.82
CA GLU A 96 11.11 -5.96 -10.37
CA GLU A 96 11.06 -5.95 -10.39
C GLU A 96 10.01 -5.37 -9.49
C GLU A 96 10.00 -5.35 -9.50
N LEU A 97 10.38 -4.44 -8.60
CA LEU A 97 9.40 -3.77 -7.76
C LEU A 97 8.41 -2.97 -8.58
N GLN A 98 8.89 -2.27 -9.62
CA GLN A 98 8.00 -1.51 -10.47
C GLN A 98 7.06 -2.41 -11.25
N GLY A 99 7.51 -3.60 -11.62
CA GLY A 99 6.63 -4.53 -12.33
C GLY A 99 5.48 -5.02 -11.46
N VAL A 100 5.75 -5.27 -10.18
CA VAL A 100 4.69 -5.67 -9.26
C VAL A 100 3.70 -4.54 -9.09
N CYS A 101 4.19 -3.31 -8.89
CA CYS A 101 3.30 -2.17 -8.77
C CYS A 101 2.45 -2.01 -10.02
N ASP A 102 3.05 -2.14 -11.19
CA ASP A 102 2.30 -2.03 -12.43
C ASP A 102 1.24 -3.13 -12.53
N THR A 103 1.56 -4.32 -12.02
CA THR A 103 0.61 -5.42 -12.07
C THR A 103 -0.59 -5.16 -11.19
N VAL A 104 -0.36 -4.71 -9.95
CA VAL A 104 -1.47 -4.38 -9.06
C VAL A 104 -2.32 -3.28 -9.65
N LEU A 105 -1.69 -2.20 -10.10
CA LEU A 105 -2.42 -1.08 -10.69
C LEU A 105 -3.22 -1.52 -11.90
N GLY A 106 -2.69 -2.47 -12.68
CA GLY A 106 -3.45 -2.99 -13.81
C GLY A 106 -4.69 -3.75 -13.39
N LEU A 107 -4.60 -4.49 -12.29
CA LEU A 107 -5.77 -5.19 -11.77
C LEU A 107 -6.82 -4.20 -11.28
N LEU A 108 -6.39 -3.17 -10.55
CA LEU A 108 -7.33 -2.16 -10.07
C LEU A 108 -8.01 -1.45 -11.23
N ASP A 109 -7.28 -1.23 -12.33
CA ASP A 109 -7.82 -0.55 -13.49
C ASP A 109 -8.58 -1.47 -14.43
N SER A 110 -8.41 -2.80 -14.28
CA SER A 110 -9.03 -3.78 -15.19
C SER A 110 -9.45 -5.00 -14.35
N HIS A 111 -10.61 -4.92 -13.67
CA HIS A 111 -11.54 -3.79 -13.71
C HIS A 111 -12.14 -3.58 -12.32
N LEU A 112 -11.33 -3.74 -11.28
CA LEU A 112 -11.84 -3.77 -9.92
C LEU A 112 -12.47 -2.43 -9.53
N ILE A 113 -11.83 -1.32 -9.86
CA ILE A 113 -12.31 -0.02 -9.38
C ILE A 113 -13.64 0.34 -10.05
N LYS A 114 -13.74 0.15 -11.37
CA LYS A 114 -14.93 0.60 -12.07
C LYS A 114 -16.18 -0.18 -11.68
N GLU A 115 -16.01 -1.43 -11.23
CA GLU A 115 -17.15 -2.23 -10.79
C GLU A 115 -17.40 -2.13 -9.29
N ALA A 116 -16.63 -1.32 -8.57
CA ALA A 116 -16.77 -1.18 -7.12
C ALA A 116 -17.76 -0.06 -6.82
N GLY A 117 -18.93 -0.41 -6.29
CA GLY A 117 -19.97 0.56 -5.99
C GLY A 117 -20.12 0.86 -4.52
N ASP A 118 -19.95 -0.16 -3.67
CA ASP A 118 -20.04 0.05 -2.23
C ASP A 118 -18.82 0.79 -1.72
N ALA A 119 -19.04 1.66 -0.74
CA ALA A 119 -17.95 2.46 -0.18
C ALA A 119 -16.80 1.59 0.30
N GLU A 120 -17.11 0.50 0.98
CA GLU A 120 -16.06 -0.35 1.55
C GLU A 120 -15.14 -0.90 0.47
N SER A 121 -15.69 -1.26 -0.69
CA SER A 121 -14.87 -1.80 -1.76
C SER A 121 -14.17 -0.68 -2.54
N ARG A 122 -14.89 0.39 -2.86
CA ARG A 122 -14.30 1.45 -3.66
C ARG A 122 -13.18 2.17 -2.91
N VAL A 123 -13.39 2.47 -1.63
CA VAL A 123 -12.34 3.10 -0.84
C VAL A 123 -11.15 2.16 -0.72
N PHE A 124 -11.42 0.88 -0.48
CA PHE A 124 -10.35 -0.12 -0.37
C PHE A 124 -9.46 -0.11 -1.61
N TYR A 125 -10.06 -0.16 -2.80
CA TYR A 125 -9.27 -0.23 -4.03
C TYR A 125 -8.56 1.08 -4.31
N LEU A 126 -9.21 2.22 -4.04
CA LEU A 126 -8.57 3.50 -4.25
C LEU A 126 -7.40 3.71 -3.30
N LYS A 127 -7.52 3.22 -2.07
CA LYS A 127 -6.38 3.22 -1.17
C LYS A 127 -5.23 2.42 -1.76
N MET A 128 -5.53 1.21 -2.26
CA MET A 128 -4.49 0.39 -2.89
C MET A 128 -3.83 1.15 -4.04
N LYS A 129 -4.63 1.80 -4.88
CA LYS A 129 -4.08 2.56 -6.00
C LYS A 129 -3.11 3.63 -5.50
N GLY A 130 -3.50 4.36 -4.46
CA GLY A 130 -2.60 5.34 -3.89
C GLY A 130 -1.35 4.71 -3.31
N ASP A 131 -1.50 3.58 -2.61
CA ASP A 131 -0.35 2.90 -2.02
C ASP A 131 0.67 2.52 -3.07
N TYR A 132 0.23 1.96 -4.20
CA TYR A 132 1.19 1.42 -5.15
C TYR A 132 1.75 2.49 -6.08
N TYR A 133 1.04 3.60 -6.29
CA TYR A 133 1.70 4.76 -6.88
C TYR A 133 2.70 5.38 -5.91
N ARG A 134 2.42 5.31 -4.60
CA ARG A 134 3.38 5.80 -3.62
C ARG A 134 4.66 4.98 -3.63
N TYR A 135 4.54 3.66 -3.79
CA TYR A 135 5.73 2.82 -3.87
C TYR A 135 6.51 3.09 -5.14
N LEU A 136 5.81 3.36 -6.24
CA LEU A 136 6.48 3.84 -7.44
C LEU A 136 7.19 5.16 -7.17
N ALA A 137 6.55 6.05 -6.39
CA ALA A 137 7.15 7.35 -6.10
C ALA A 137 8.41 7.22 -5.26
N GLU A 138 8.45 6.23 -4.36
CA GLU A 138 9.61 6.07 -3.49
C GLU A 138 10.90 5.86 -4.28
N VAL A 139 10.80 5.28 -5.47
CA VAL A 139 11.97 4.98 -6.30
C VAL A 139 12.05 5.83 -7.55
N ALA A 140 11.13 6.78 -7.74
CA ALA A 140 11.11 7.57 -8.96
C ALA A 140 12.15 8.69 -8.89
N THR A 141 12.81 8.94 -10.03
CA THR A 141 13.86 9.94 -10.11
C THR A 141 13.87 10.72 -11.41
N GLY A 142 12.99 10.43 -12.36
CA GLY A 142 13.05 10.98 -13.69
C GLY A 142 11.95 11.96 -13.99
N ASP A 143 11.72 12.18 -15.29
CA ASP A 143 10.82 13.22 -15.76
C ASP A 143 9.35 12.96 -15.44
N ASP A 144 9.01 11.76 -14.96
CA ASP A 144 7.63 11.43 -14.63
C ASP A 144 7.38 11.36 -13.13
N LYS A 145 8.37 11.75 -12.31
CA LYS A 145 8.21 11.64 -10.87
C LYS A 145 7.04 12.49 -10.37
N LYS A 146 6.90 13.71 -10.89
CA LYS A 146 5.84 14.59 -10.40
C LYS A 146 4.46 14.04 -10.75
N ARG A 147 4.31 13.44 -11.92
CA ARG A 147 3.02 12.86 -12.29
C ARG A 147 2.73 11.60 -11.48
N ILE A 148 3.78 10.84 -11.14
CA ILE A 148 3.59 9.67 -10.28
C ILE A 148 3.11 10.10 -8.90
N ILE A 149 3.74 11.13 -8.35
CA ILE A 149 3.32 11.66 -7.04
C ILE A 149 1.87 12.12 -7.10
N ASP A 150 1.50 12.84 -8.16
CA ASP A 150 0.14 13.38 -8.24
C ASP A 150 -0.88 12.26 -8.45
N SER A 151 -0.48 11.17 -9.09
CA SER A 151 -1.38 10.03 -9.24
C SER A 151 -1.67 9.39 -7.89
N ALA A 152 -0.65 9.27 -7.03
CA ALA A 152 -0.88 8.81 -5.67
C ALA A 152 -1.79 9.75 -4.91
N ARG A 153 -1.49 11.06 -4.95
CA ARG A 153 -2.32 12.04 -4.26
C ARG A 153 -3.76 11.97 -4.74
N SER A 154 -3.96 11.92 -6.07
CA SER A 154 -5.31 11.93 -6.61
C SER A 154 -6.10 10.72 -6.15
N ALA A 155 -5.47 9.54 -6.15
CA ALA A 155 -6.17 8.33 -5.71
C ALA A 155 -6.50 8.40 -4.22
N TYR A 156 -5.53 8.80 -3.40
CA TYR A 156 -5.78 8.97 -1.97
C TYR A 156 -6.90 9.97 -1.70
N GLN A 157 -6.92 11.07 -2.45
CA GLN A 157 -7.89 12.13 -2.18
C GLN A 157 -9.30 11.69 -2.49
N GLU A 158 -9.51 10.99 -3.61
CA GLU A 158 -10.84 10.48 -3.92
C GLU A 158 -11.29 9.47 -2.88
N ALA A 159 -10.37 8.63 -2.40
CA ALA A 159 -10.70 7.68 -1.34
C ALA A 159 -11.06 8.41 -0.05
N MET A 160 -10.31 9.46 0.29
CA MET A 160 -10.61 10.22 1.50
C MET A 160 -11.99 10.85 1.42
N ASP A 161 -12.32 11.47 0.28
CA ASP A 161 -13.62 12.11 0.12
C ASP A 161 -14.75 11.11 0.33
N ILE A 162 -14.66 9.94 -0.31
CA ILE A 162 -15.69 8.92 -0.16
C ILE A 162 -15.77 8.46 1.28
N SER A 163 -14.62 8.13 1.89
CA SER A 163 -14.62 7.55 3.23
C SER A 163 -15.20 8.51 4.25
N LYS A 164 -14.94 9.81 4.10
CA LYS A 164 -15.49 10.77 5.04
C LYS A 164 -17.00 10.91 4.89
N LYS A 165 -17.53 10.70 3.69
CA LYS A 165 -18.96 10.83 3.48
C LYS A 165 -19.72 9.54 3.78
N GLU A 166 -19.09 8.38 3.63
CA GLU A 166 -19.79 7.11 3.67
C GLU A 166 -19.38 6.18 4.81
N MET A 167 -18.30 6.48 5.52
CA MET A 167 -17.80 5.58 6.56
C MET A 167 -17.69 6.29 7.90
N PRO A 168 -17.89 5.58 9.00
CA PRO A 168 -17.68 6.18 10.33
C PRO A 168 -16.20 6.42 10.58
N PRO A 169 -15.85 7.36 11.47
CA PRO A 169 -14.43 7.68 11.68
C PRO A 169 -13.58 6.51 12.16
N THR A 170 -14.20 5.47 12.73
CA THR A 170 -13.46 4.34 13.26
C THR A 170 -13.33 3.17 12.30
N ASN A 171 -13.92 3.29 11.10
CA ASN A 171 -13.82 2.22 10.13
CA ASN A 171 -13.82 2.22 10.13
C ASN A 171 -12.36 1.89 9.85
N PRO A 172 -11.94 0.62 9.96
CA PRO A 172 -10.51 0.33 9.78
C PRO A 172 -9.94 0.73 8.43
N ILE A 173 -10.72 0.61 7.35
CA ILE A 173 -10.22 1.02 6.04
C ILE A 173 -10.03 2.54 6.00
N ARG A 174 -10.99 3.29 6.54
CA ARG A 174 -10.83 4.73 6.61
C ARG A 174 -9.60 5.11 7.42
N LEU A 175 -9.36 4.40 8.52
CA LEU A 175 -8.20 4.70 9.36
C LEU A 175 -6.90 4.37 8.65
N GLY A 176 -6.82 3.19 8.04
CA GLY A 176 -5.62 2.82 7.31
C GLY A 176 -5.34 3.74 6.14
N LEU A 177 -6.40 4.16 5.44
CA LEU A 177 -6.24 5.13 4.36
C LEU A 177 -5.62 6.42 4.87
N ALA A 178 -6.18 6.97 5.95
CA ALA A 178 -5.67 8.23 6.48
C ALA A 178 -4.24 8.09 6.98
N LEU A 179 -3.95 6.97 7.64
CA LEU A 179 -2.57 6.71 8.08
C LEU A 179 -1.61 6.78 6.90
N ASN A 180 -1.97 6.14 5.78
CA ASN A 180 -1.05 6.06 4.65
C ASN A 180 -0.97 7.38 3.88
N PHE A 181 -2.10 8.07 3.74
CA PHE A 181 -2.08 9.40 3.12
C PHE A 181 -1.22 10.36 3.93
N SER A 182 -1.26 10.24 5.26
CA SER A 182 -0.39 11.03 6.11
C SER A 182 1.07 10.67 5.88
N VAL A 183 1.37 9.37 5.74
CA VAL A 183 2.73 8.96 5.42
C VAL A 183 3.14 9.50 4.06
N PHE A 184 2.21 9.49 3.09
CA PHE A 184 2.49 10.07 1.78
C PHE A 184 2.91 11.54 1.91
N HIS A 185 2.15 12.31 2.69
CA HIS A 185 2.48 13.72 2.88
C HIS A 185 3.88 13.88 3.46
N TYR A 186 4.25 13.03 4.42
CA TYR A 186 5.52 13.20 5.11
C TYR A 186 6.69 12.71 4.25
N GLU A 187 6.57 11.53 3.66
CA GLU A 187 7.71 10.87 3.03
C GLU A 187 7.81 11.14 1.53
N ILE A 188 6.71 11.49 0.86
CA ILE A 188 6.69 11.67 -0.59
C ILE A 188 6.51 13.14 -0.97
N ALA A 189 5.52 13.80 -0.39
CA ALA A 189 5.11 15.12 -0.85
C ALA A 189 5.80 16.26 -0.12
N ASN A 190 6.75 15.97 0.77
CA ASN A 190 7.49 17.01 1.48
C ASN A 190 6.55 17.96 2.20
N SER A 191 5.52 17.41 2.83
CA SER A 191 4.49 18.18 3.53
C SER A 191 4.33 17.63 4.94
N PRO A 192 5.36 17.75 5.77
CA PRO A 192 5.28 17.17 7.12
C PRO A 192 4.18 17.76 7.98
N GLU A 193 3.87 19.05 7.82
CA GLU A 193 2.80 19.65 8.60
C GLU A 193 1.45 19.07 8.22
N GLU A 194 1.22 18.84 6.93
CA GLU A 194 -0.01 18.19 6.49
C GLU A 194 -0.09 16.77 7.04
N ALA A 195 1.02 16.04 7.04
CA ALA A 195 1.03 14.68 7.57
C ALA A 195 0.66 14.68 9.05
N ILE A 196 1.19 15.63 9.81
CA ILE A 196 0.91 15.67 11.24
C ILE A 196 -0.52 16.08 11.51
N SER A 197 -1.01 17.10 10.80
CA SER A 197 -2.40 17.55 10.97
C SER A 197 -3.37 16.42 10.67
N LEU A 198 -3.13 15.67 9.58
CA LEU A 198 -4.04 14.61 9.20
C LEU A 198 -4.05 13.49 10.25
N ALA A 199 -2.88 13.10 10.75
CA ALA A 199 -2.83 12.02 11.72
C ALA A 199 -3.53 12.41 13.02
N LYS A 200 -3.34 13.65 13.48
CA LYS A 200 -4.01 14.11 14.70
C LYS A 200 -5.52 14.11 14.53
N THR A 201 -6.00 14.76 13.47
CA THR A 201 -7.44 14.85 13.24
C THR A 201 -8.07 13.47 13.09
N THR A 202 -7.42 12.58 12.35
CA THR A 202 -7.91 11.22 12.22
C THR A 202 -8.02 10.53 13.57
N PHE A 203 -6.96 10.63 14.37
CA PHE A 203 -6.94 9.96 15.67
C PHE A 203 -8.04 10.51 16.58
N ASP A 204 -8.15 11.84 16.67
CA ASP A 204 -9.09 12.45 17.60
C ASP A 204 -10.53 12.12 17.21
N GLU A 205 -10.85 12.16 15.92
CA GLU A 205 -12.21 11.87 15.48
C GLU A 205 -12.57 10.40 15.70
N ALA A 206 -11.60 9.50 15.56
CA ALA A 206 -11.87 8.09 15.86
C ALA A 206 -12.04 7.89 17.36
N MET A 207 -11.21 8.55 18.16
CA MET A 207 -11.36 8.49 19.62
C MET A 207 -12.79 8.80 20.04
N ALA A 208 -13.37 9.84 19.46
CA ALA A 208 -14.70 10.30 19.86
C ALA A 208 -15.82 9.39 19.37
N ASP A 209 -15.52 8.42 18.51
CA ASP A 209 -16.53 7.51 17.98
C ASP A 209 -16.42 6.10 18.53
N LEU A 210 -15.42 5.83 19.38
CA LEU A 210 -15.25 4.49 19.93
C LEU A 210 -16.44 4.05 20.76
N HIS A 211 -17.15 5.00 21.39
CA HIS A 211 -18.23 4.64 22.29
C HIS A 211 -19.38 3.93 21.57
N THR A 212 -19.43 4.02 20.25
CA THR A 212 -20.49 3.39 19.48
C THR A 212 -20.22 1.92 19.16
N LEU A 213 -19.03 1.41 19.49
CA LEU A 213 -18.56 0.14 18.97
C LEU A 213 -18.71 -0.98 19.99
N SER A 214 -18.81 -2.20 19.47
CA SER A 214 -18.70 -3.40 20.28
C SER A 214 -17.24 -3.64 20.68
N GLU A 215 -17.04 -4.60 21.57
CA GLU A 215 -15.70 -4.90 22.06
C GLU A 215 -14.79 -5.31 20.91
N ASP A 216 -15.29 -6.09 19.95
CA ASP A 216 -14.47 -6.53 18.83
C ASP A 216 -14.14 -5.37 17.90
N SER A 217 -15.15 -4.56 17.56
CA SER A 217 -14.88 -3.39 16.72
C SER A 217 -13.98 -2.39 17.43
N TYR A 218 -14.15 -2.27 18.75
CA TYR A 218 -13.26 -1.41 19.54
C TYR A 218 -11.81 -1.85 19.40
N LYS A 219 -11.56 -3.17 19.46
CA LYS A 219 -10.19 -3.66 19.30
C LYS A 219 -9.67 -3.42 17.90
N ASP A 220 -10.54 -3.54 16.89
CA ASP A 220 -10.10 -3.39 15.50
C ASP A 220 -9.59 -1.98 15.24
N SER A 221 -10.31 -0.97 15.72
CA SER A 221 -9.95 0.41 15.40
C SER A 221 -8.69 0.83 16.15
N THR A 222 -8.59 0.50 17.44
CA THR A 222 -7.49 0.99 18.25
C THR A 222 -6.14 0.49 17.75
N LEU A 223 -6.11 -0.67 17.08
CA LEU A 223 -4.84 -1.18 16.56
C LEU A 223 -4.25 -0.21 15.54
N ILE A 224 -5.07 0.28 14.62
CA ILE A 224 -4.57 1.23 13.61
C ILE A 224 -4.42 2.62 14.22
N MET A 225 -5.27 2.97 15.19
CA MET A 225 -5.12 4.25 15.88
C MET A 225 -3.77 4.34 16.57
N GLN A 226 -3.27 3.23 17.10
CA GLN A 226 -1.95 3.23 17.73
C GLN A 226 -0.85 3.53 16.73
N LEU A 227 -1.04 3.10 15.47
CA LEU A 227 -0.05 3.42 14.44
C LEU A 227 -0.05 4.91 14.14
N LEU A 228 -1.22 5.54 14.11
CA LEU A 228 -1.30 7.00 14.01
C LEU A 228 -0.55 7.65 15.17
N ARG A 229 -0.75 7.14 16.38
CA ARG A 229 -0.06 7.69 17.55
C ARG A 229 1.45 7.47 17.44
N ASP A 230 1.87 6.29 16.97
CA ASP A 230 3.29 6.02 16.80
C ASP A 230 3.94 7.03 15.86
N ASN A 231 3.30 7.30 14.72
CA ASN A 231 3.89 8.22 13.76
C ASN A 231 3.96 9.64 14.31
N LEU A 232 2.93 10.06 15.05
CA LEU A 232 2.95 11.38 15.67
C LEU A 232 4.11 11.51 16.65
N THR A 233 4.34 10.47 17.45
CA THR A 233 5.47 10.50 18.37
C THR A 233 6.79 10.54 17.63
N LEU A 234 6.88 9.80 16.51
CA LEU A 234 8.09 9.83 15.70
C LEU A 234 8.29 11.20 15.06
N TRP A 235 7.21 11.85 14.64
CA TRP A 235 7.29 13.08 13.86
C TRP A 235 7.33 14.33 14.72
N THR A 236 7.01 14.24 16.01
CA THR A 236 6.94 15.42 16.87
C THR A 236 7.78 15.23 18.13
N ASP B 6 13.30 8.15 10.14
CA ASP B 6 13.01 6.73 10.10
C ASP B 6 11.69 6.44 9.39
N LYS B 7 11.60 5.26 8.78
CA LYS B 7 10.41 4.90 8.03
C LYS B 7 9.18 4.89 8.92
N ALA B 8 8.13 5.57 8.48
CA ALA B 8 6.90 5.64 9.25
C ALA B 8 6.07 4.36 9.06
N LYS B 9 5.18 4.11 10.00
CA LYS B 9 4.33 2.93 9.95
C LYS B 9 3.15 3.17 9.00
N CYS B 11 -0.27 1.05 6.66
CA CYS B 11 -1.14 -0.11 6.52
C CYS B 11 -2.14 0.07 5.41
#